data_5V17
#
_entry.id   5V17
#
_entity_poly.entity_id   1
_entity_poly.type   'polyribonucleotide'
_entity_poly.pdbx_seq_one_letter_code
;GGAUCAACCCCAGGUGUGGCACACCAGUCAUACCUUGAUCC
;
_entity_poly.pdbx_strand_id   A
#